data_1VKO
#
_entry.id   1VKO
#
_cell.length_a   76.980
_cell.length_b   129.980
_cell.length_c   131.320
_cell.angle_alpha   90.00
_cell.angle_beta   90.00
_cell.angle_gamma   90.00
#
_symmetry.space_group_name_H-M   'I 2 2 2'
#
loop_
_entity.id
_entity.type
_entity.pdbx_description
1 polymer 'inositol-3-phosphate synthase'
2 non-polymer 'POTASSIUM ION'
3 non-polymer 'CHLORIDE ION'
4 non-polymer 'IODIDE ION'
5 non-polymer NICOTINAMIDE-ADENINE-DINUCLEOTIDE
6 non-polymer 'PYROPHOSPHATE 2-'
7 water water
#
_entity_poly.entity_id   1
_entity_poly.type   'polypeptide(L)'
_entity_poly.pdbx_seq_one_letter_code
;MGSDKIHHHHHHMSSAQVNGISKRLIVESPNVKLEDGVLESRFTYRKNHFEHRADGLHVTPKEHDYSFKTVLKPRKTGLL
LVGLGGNNGSTAVGSIFANQYAMTWRTKEGHSQANYFGSVTQTATVHLGYDSATQNQIFVPFKDIVPILSPNDLIISGWD
ISDSNLYEAMGRAKVFEPELQEKLRPFMEPIVPLPSIYYPDFIASNQGDRANNVIPGDNKLEHLEHIRADIRKFKQEHEL
ECVIVLWTANTERYTDVRQGLNATADEIMESIRVNEDEVSPSNIFAVASILEGAHYINGSPQNTLVPGLIELAERHKVFV
GGDDFKSGQTKFKSAFVDFLVSSGMKPESIVSYNHLGNNDGKNLSEARQFRSKEISKSSVVDDMVKSNQILFPDAKNPDY
CVVIKYVPYVADSKRAMDEYICSIFMGGKQTFVVHNTCEDSLLASPLIYDLAILTELASRVSYKVDDEYKPFHSVLSILS
LLLKAPVVPPGTPISNAFMRQFSTLTKLVTALAGFPSDTDMQIEFFTQLPAAKSKSQ
;
_entity_poly.pdbx_strand_id   A
#
loop_
_chem_comp.id
_chem_comp.type
_chem_comp.name
_chem_comp.formula
CL non-polymer 'CHLORIDE ION' 'Cl -1'
IOD non-polymer 'IODIDE ION' 'I -1'
K non-polymer 'POTASSIUM ION' 'K 1'
NAD non-polymer NICOTINAMIDE-ADENINE-DINUCLEOTIDE 'C21 H27 N7 O14 P2'
POP non-polymer 'PYROPHOSPHATE 2-' 'H2 O7 P2 -2'
#
# COMPACT_ATOMS: atom_id res chain seq x y z
N LYS A 23 23.45 16.70 9.36
CA LYS A 23 23.84 16.50 7.94
C LYS A 23 22.65 16.14 7.04
N ARG A 24 22.10 17.17 6.42
CA ARG A 24 20.99 17.00 5.51
C ARG A 24 21.48 16.80 4.06
N LEU A 25 20.54 16.63 3.13
CA LEU A 25 20.83 16.45 1.71
C LEU A 25 20.33 17.74 1.04
N ILE A 26 21.25 18.51 0.45
CA ILE A 26 20.98 19.92 0.03
C ILE A 26 21.06 20.12 -1.48
N VAL A 27 19.99 20.62 -2.09
CA VAL A 27 19.88 20.75 -3.55
C VAL A 27 20.50 22.06 -4.02
N GLU A 28 21.19 22.03 -5.16
CA GLU A 28 21.80 23.22 -5.75
C GLU A 28 21.26 23.41 -7.19
N SER A 29 20.17 24.16 -7.35
CA SER A 29 19.54 24.23 -8.68
C SER A 29 18.86 25.56 -9.00
N PRO A 30 19.01 26.04 -10.24
CA PRO A 30 18.29 27.26 -10.70
C PRO A 30 16.80 27.04 -10.84
N ASN A 31 16.39 25.78 -10.66
CA ASN A 31 14.99 25.34 -10.87
C ASN A 31 14.24 25.00 -9.59
N VAL A 32 14.81 25.40 -8.47
CA VAL A 32 14.28 25.09 -7.15
C VAL A 32 14.35 26.35 -6.29
N LYS A 33 13.27 26.62 -5.55
CA LYS A 33 13.20 27.80 -4.72
C LYS A 33 12.50 27.44 -3.42
N LEU A 34 13.16 27.69 -2.30
CA LEU A 34 12.47 27.66 -1.00
C LEU A 34 11.84 29.02 -0.71
N GLU A 35 10.57 29.00 -0.34
CA GLU A 35 9.91 30.12 0.24
C GLU A 35 8.79 29.63 1.13
N ASP A 36 8.82 30.04 2.40
CA ASP A 36 7.74 29.81 3.36
C ASP A 36 7.63 28.35 3.83
N GLY A 37 8.75 27.65 3.82
CA GLY A 37 8.78 26.23 4.23
C GLY A 37 8.11 25.26 3.25
N VAL A 38 7.84 25.74 2.04
CA VAL A 38 7.49 24.87 0.93
C VAL A 38 8.64 24.97 -0.07
N LEU A 39 8.79 23.95 -0.91
CA LEU A 39 9.85 23.87 -1.90
C LEU A 39 9.24 23.79 -3.30
N GLU A 40 9.57 24.75 -4.14
CA GLU A 40 9.11 24.75 -5.52
C GLU A 40 10.14 24.11 -6.44
N SER A 41 9.67 23.27 -7.34
CA SER A 41 10.56 22.41 -8.09
C SER A 41 10.05 22.18 -9.51
N ARG A 42 10.79 22.71 -10.47
CA ARG A 42 10.39 22.59 -11.88
C ARG A 42 11.06 21.36 -12.44
N PHE A 43 10.25 20.47 -13.01
CA PHE A 43 10.73 19.21 -13.60
C PHE A 43 10.28 19.15 -15.06
N THR A 44 11.20 18.89 -15.97
CA THR A 44 10.88 18.72 -17.38
C THR A 44 10.68 17.24 -17.68
N TYR A 45 9.42 16.85 -17.93
CA TYR A 45 9.04 15.43 -18.11
C TYR A 45 9.15 14.92 -19.57
N ARG A 46 9.96 13.88 -19.78
CA ARG A 46 10.15 13.35 -21.13
C ARG A 46 9.13 12.28 -21.47
N LYS A 47 8.25 12.57 -22.42
CA LYS A 47 7.16 11.64 -22.78
C LYS A 47 7.10 11.43 -24.27
N ASN A 48 7.00 10.17 -24.69
CA ASN A 48 6.81 9.85 -26.08
C ASN A 48 5.33 9.95 -26.46
N HIS A 49 5.06 10.45 -27.66
CA HIS A 49 3.71 10.49 -28.16
C HIS A 49 3.67 9.71 -29.47
N PHE A 50 2.58 9.01 -29.73
CA PHE A 50 2.56 8.00 -30.80
C PHE A 50 1.57 8.32 -31.90
N GLU A 51 1.84 7.79 -33.09
CA GLU A 51 0.89 7.85 -34.19
C GLU A 51 1.05 6.58 -35.05
N HIS A 52 -0.05 5.88 -35.27
CA HIS A 52 -0.05 4.68 -36.08
C HIS A 52 -0.32 5.00 -37.55
N ARG A 53 0.58 4.61 -38.43
CA ARG A 53 0.42 4.84 -39.85
C ARG A 53 0.68 3.56 -40.61
N ALA A 54 0.17 3.52 -41.83
CA ALA A 54 0.41 2.44 -42.79
C ALA A 54 1.85 1.88 -42.76
N ASP A 55 2.85 2.77 -42.78
CA ASP A 55 4.28 2.38 -42.83
C ASP A 55 4.91 2.02 -41.48
N GLY A 56 4.23 2.33 -40.38
CA GLY A 56 4.58 1.84 -39.05
C GLY A 56 4.27 2.81 -37.92
N LEU A 57 5.03 2.70 -36.83
CA LEU A 57 4.78 3.48 -35.62
C LEU A 57 5.66 4.72 -35.49
N HIS A 58 5.04 5.90 -35.46
CA HIS A 58 5.78 7.14 -35.38
C HIS A 58 5.83 7.61 -33.94
N VAL A 59 7.05 7.83 -33.46
CA VAL A 59 7.30 8.20 -32.07
C VAL A 59 7.85 9.62 -31.98
N THR A 60 7.09 10.51 -31.33
CA THR A 60 7.46 11.89 -31.15
C THR A 60 7.77 12.17 -29.69
N PRO A 61 9.06 12.29 -29.33
CA PRO A 61 9.43 12.72 -27.98
C PRO A 61 9.13 14.20 -27.71
N LYS A 62 8.37 14.48 -26.64
CA LYS A 62 8.04 15.85 -26.26
C LYS A 62 8.39 16.11 -24.79
N GLU A 63 8.42 17.37 -24.37
CA GLU A 63 8.74 17.71 -22.98
C GLU A 63 7.61 18.44 -22.29
N HIS A 64 7.42 18.15 -21.00
CA HIS A 64 6.30 18.70 -20.21
C HIS A 64 6.79 19.30 -18.87
N ASP A 65 6.85 20.62 -18.78
CA ASP A 65 7.40 21.20 -17.57
C ASP A 65 6.40 21.10 -16.45
N TYR A 66 6.76 20.39 -15.39
CA TYR A 66 5.93 20.33 -14.19
C TYR A 66 6.48 21.35 -13.20
N SER A 67 5.62 22.04 -12.47
CA SER A 67 6.11 22.89 -11.40
C SER A 67 5.55 22.35 -10.09
N PHE A 68 6.39 21.77 -9.25
CA PHE A 68 5.91 21.15 -8.01
C PHE A 68 6.07 22.09 -6.85
N LYS A 69 5.14 22.02 -5.91
CA LYS A 69 5.38 22.61 -4.60
C LYS A 69 5.24 21.50 -3.61
N THR A 70 6.17 21.43 -2.65
CA THR A 70 6.15 20.42 -1.60
C THR A 70 6.28 21.03 -0.23
N VAL A 71 5.22 20.96 0.58
CA VAL A 71 5.38 21.41 1.96
C VAL A 71 6.46 20.55 2.62
N LEU A 72 7.44 21.18 3.26
CA LEU A 72 8.59 20.46 3.78
C LEU A 72 8.43 19.95 5.21
N LYS A 73 7.55 20.57 5.99
CA LYS A 73 7.30 20.06 7.34
C LYS A 73 6.15 19.07 7.31
N PRO A 74 6.40 17.81 7.68
CA PRO A 74 5.34 16.83 7.79
C PRO A 74 4.30 17.29 8.82
N ARG A 75 3.03 17.13 8.47
CA ARG A 75 1.92 17.50 9.34
C ARG A 75 1.73 16.52 10.51
N LYS A 76 1.11 17.00 11.59
CA LYS A 76 0.81 16.14 12.75
C LYS A 76 -0.24 15.13 12.35
N THR A 77 0.07 13.85 12.51
CA THR A 77 -0.65 12.79 11.78
C THR A 77 -1.24 11.69 12.64
N GLY A 78 -2.55 11.52 12.57
CA GLY A 78 -3.21 10.41 13.25
C GLY A 78 -3.56 9.33 12.24
N LEU A 79 -3.41 8.07 12.68
CA LEU A 79 -3.83 6.90 11.87
C LEU A 79 -4.85 6.06 12.62
N LEU A 80 -5.95 5.79 11.93
CA LEU A 80 -7.04 5.02 12.48
C LEU A 80 -7.19 3.69 11.77
N LEU A 81 -7.01 2.58 12.50
CA LEU A 81 -7.05 1.29 11.81
C LEU A 81 -8.33 0.60 12.08
N VAL A 82 -8.94 0.09 11.05
CA VAL A 82 -10.06 -0.82 11.23
C VAL A 82 -9.50 -2.20 11.34
N GLY A 83 -9.90 -2.90 12.41
CA GLY A 83 -9.22 -4.12 12.80
C GLY A 83 -8.01 -3.77 13.66
N LEU A 84 -8.13 -2.78 14.54
CA LEU A 84 -6.99 -2.32 15.37
C LEU A 84 -6.46 -3.42 16.27
N GLY A 85 -7.31 -4.37 16.64
CA GLY A 85 -6.94 -5.43 17.58
C GLY A 85 -6.46 -6.71 16.93
N GLY A 86 -6.29 -6.69 15.60
CA GLY A 86 -5.86 -7.90 14.85
C GLY A 86 -4.38 -8.18 14.96
N ASN A 87 -3.89 -9.15 14.17
CA ASN A 87 -2.46 -9.40 14.11
C ASN A 87 -1.69 -8.19 13.60
N ASN A 88 -2.05 -7.70 12.41
CA ASN A 88 -1.38 -6.51 11.84
C ASN A 88 -1.55 -5.30 12.75
N GLY A 89 -2.78 -5.00 13.13
CA GLY A 89 -3.05 -3.84 13.95
C GLY A 89 -2.20 -3.84 15.21
N SER A 90 -2.27 -4.90 16.03
CA SER A 90 -1.64 -4.84 17.36
C SER A 90 -0.10 -4.82 17.19
N THR A 91 0.37 -5.41 16.10
CA THR A 91 1.79 -5.40 15.80
C THR A 91 2.27 -4.04 15.32
N ALA A 92 1.52 -3.43 14.41
CA ALA A 92 1.77 -2.08 13.94
C ALA A 92 1.94 -1.16 15.13
N VAL A 93 1.02 -1.24 16.09
CA VAL A 93 1.05 -0.38 17.28
C VAL A 93 2.24 -0.78 18.17
N GLY A 94 2.36 -2.07 18.46
CA GLY A 94 3.44 -2.59 19.30
C GLY A 94 4.81 -2.13 18.87
N SER A 95 5.11 -2.31 17.59
CA SER A 95 6.42 -1.97 17.03
C SER A 95 6.77 -0.49 17.04
N ILE A 96 5.78 0.38 16.91
CA ILE A 96 6.01 1.85 17.08
C ILE A 96 6.54 2.13 18.49
N PHE A 97 5.83 1.63 19.48
CA PHE A 97 6.27 1.80 20.88
C PHE A 97 7.64 1.21 21.05
N ALA A 98 7.83 0.01 20.49
CA ALA A 98 9.02 -0.73 20.67
C ALA A 98 10.17 0.03 20.10
N ASN A 99 9.99 0.64 18.92
CA ASN A 99 11.05 1.53 18.36
C ASN A 99 11.25 2.86 19.10
N GLN A 100 10.19 3.45 19.63
CA GLN A 100 10.29 4.68 20.43
C GLN A 100 11.20 4.48 21.63
N TYR A 101 11.05 3.36 22.32
CA TYR A 101 11.84 3.05 23.51
C TYR A 101 13.04 2.17 23.26
N ALA A 102 13.33 1.86 21.99
CA ALA A 102 14.47 1.04 21.65
C ALA A 102 14.52 -0.28 22.43
N MET A 103 13.40 -1.00 22.46
CA MET A 103 13.30 -2.24 23.22
C MET A 103 14.15 -3.35 22.63
N THR A 104 14.76 -4.14 23.51
CA THR A 104 15.52 -5.29 23.11
C THR A 104 14.90 -6.52 23.76
N TRP A 105 15.23 -7.70 23.23
CA TRP A 105 14.81 -8.93 23.90
C TRP A 105 15.92 -9.98 23.75
N ARG A 106 16.07 -10.88 24.73
CA ARG A 106 17.12 -11.90 24.64
C ARG A 106 16.79 -12.92 23.55
N THR A 107 17.80 -13.37 22.80
CA THR A 107 17.64 -14.52 21.93
C THR A 107 18.79 -15.47 22.22
N LYS A 108 18.65 -16.70 21.73
CA LYS A 108 19.72 -17.69 21.75
C LYS A 108 21.01 -17.12 21.19
N GLU A 109 20.90 -16.09 20.35
CA GLU A 109 22.08 -15.56 19.66
C GLU A 109 22.70 -14.37 20.40
N GLY A 110 21.96 -13.79 21.34
CA GLY A 110 22.37 -12.57 21.98
C GLY A 110 21.14 -11.75 22.28
N HIS A 111 21.02 -10.60 21.61
CA HIS A 111 19.91 -9.69 21.78
C HIS A 111 19.35 -9.36 20.41
N SER A 112 18.06 -9.12 20.35
CA SER A 112 17.52 -8.40 19.22
C SER A 112 16.97 -7.09 19.75
N GLN A 113 16.89 -6.10 18.85
CA GLN A 113 16.47 -4.72 19.14
C GLN A 113 15.32 -4.42 18.18
N ALA A 114 14.40 -3.55 18.63
CA ALA A 114 13.37 -2.98 17.73
C ALA A 114 13.99 -2.35 16.48
N ASN A 115 13.34 -2.54 15.33
CA ASN A 115 13.66 -1.76 14.14
C ASN A 115 12.48 -1.60 13.18
N TYR A 116 12.75 -1.00 12.01
CA TYR A 116 11.74 -0.77 10.97
C TYR A 116 12.18 -1.39 9.68
N PHE A 117 12.82 -2.56 9.72
CA PHE A 117 13.16 -3.23 8.47
C PHE A 117 11.90 -3.62 7.67
N GLY A 118 12.07 -3.73 6.36
CA GLY A 118 10.95 -4.00 5.50
C GLY A 118 9.98 -2.87 5.28
N SER A 119 10.34 -1.66 5.77
CA SER A 119 9.65 -0.42 5.40
C SER A 119 10.43 0.15 4.20
N VAL A 120 9.82 0.31 3.03
CA VAL A 120 10.51 1.03 1.95
C VAL A 120 10.92 2.43 2.42
N THR A 121 10.01 3.17 3.05
CA THR A 121 10.28 4.58 3.35
C THR A 121 11.38 4.73 4.39
N GLN A 122 11.46 3.78 5.34
CA GLN A 122 12.38 3.92 6.44
C GLN A 122 13.74 3.32 6.13
N THR A 123 13.81 2.40 5.16
CA THR A 123 15.07 1.66 4.89
C THR A 123 15.53 1.47 3.43
N ALA A 124 14.69 1.74 2.43
CA ALA A 124 15.20 1.76 1.06
C ALA A 124 16.23 2.87 0.87
N THR A 125 17.25 2.62 0.06
CA THR A 125 18.11 3.72 -0.39
C THR A 125 17.92 3.91 -1.89
N VAL A 126 18.33 5.09 -2.34
CA VAL A 126 18.05 5.57 -3.69
C VAL A 126 19.37 5.97 -4.35
N HIS A 127 19.48 5.73 -5.64
CA HIS A 127 20.70 6.00 -6.38
C HIS A 127 20.58 7.37 -7.05
N LEU A 128 21.34 8.36 -6.57
CA LEU A 128 21.46 9.70 -7.20
C LEU A 128 22.56 9.80 -8.26
N GLY A 129 23.51 8.85 -8.24
CA GLY A 129 24.64 8.86 -9.17
C GLY A 129 25.99 8.47 -8.57
N TYR A 130 27.05 8.85 -9.28
CA TYR A 130 28.45 8.56 -8.96
C TYR A 130 29.27 9.84 -8.68
N ASP A 131 30.06 9.78 -7.59
CA ASP A 131 30.94 10.87 -7.13
C ASP A 131 32.41 10.57 -7.36
N SER A 132 33.06 11.32 -8.23
CA SER A 132 34.46 11.09 -8.54
C SER A 132 35.41 11.24 -7.37
N ALA A 133 35.24 12.30 -6.58
CA ALA A 133 36.13 12.52 -5.43
C ALA A 133 36.23 11.29 -4.56
N THR A 134 35.10 10.76 -4.10
CA THR A 134 35.12 9.58 -3.21
C THR A 134 35.18 8.29 -4.00
N GLN A 135 35.08 8.40 -5.33
CA GLN A 135 35.14 7.21 -6.22
C GLN A 135 34.05 6.19 -5.85
N ASN A 136 32.80 6.65 -5.86
CA ASN A 136 31.71 5.99 -5.17
C ASN A 136 30.36 6.25 -5.83
N GLN A 137 29.55 5.18 -5.92
CA GLN A 137 28.11 5.28 -6.14
C GLN A 137 27.43 5.92 -4.90
N ILE A 138 26.57 6.90 -5.16
CA ILE A 138 25.89 7.66 -4.12
C ILE A 138 24.49 7.12 -3.89
N PHE A 139 24.29 6.53 -2.72
CA PHE A 139 23.00 6.00 -2.34
C PHE A 139 22.52 6.70 -1.07
N VAL A 140 21.34 7.31 -1.12
CA VAL A 140 20.83 7.96 0.07
C VAL A 140 19.55 7.29 0.53
N PRO A 141 19.30 7.35 1.84
CA PRO A 141 18.04 6.89 2.38
C PRO A 141 16.90 7.61 1.67
N PHE A 142 15.87 6.85 1.30
CA PHE A 142 14.65 7.42 0.85
C PHE A 142 14.18 8.61 1.71
N LYS A 143 14.31 8.51 3.03
CA LYS A 143 13.67 9.50 3.90
C LYS A 143 14.46 10.81 3.95
N ASP A 144 15.66 10.80 3.34
CA ASP A 144 16.49 11.99 3.24
C ASP A 144 16.16 12.86 2.01
N ILE A 145 15.37 12.35 1.07
CA ILE A 145 15.13 13.05 -0.18
C ILE A 145 14.10 14.18 -0.03
N VAL A 146 12.84 13.84 0.26
CA VAL A 146 11.89 14.83 0.77
C VAL A 146 11.50 14.43 2.20
N PRO A 147 11.38 15.39 3.11
CA PRO A 147 11.04 15.09 4.49
C PRO A 147 9.73 14.32 4.61
N ILE A 148 9.75 13.21 5.35
CA ILE A 148 8.56 12.39 5.55
C ILE A 148 8.46 11.98 7.01
N LEU A 149 7.29 11.51 7.44
CA LEU A 149 7.15 11.02 8.81
C LEU A 149 8.05 9.83 9.15
N SER A 150 8.35 9.68 10.43
CA SER A 150 8.84 8.41 10.96
C SER A 150 7.64 7.77 11.60
N PRO A 151 7.57 6.44 11.63
CA PRO A 151 6.42 5.81 12.25
C PRO A 151 6.32 6.16 13.73
N ASN A 152 7.40 6.69 14.30
CA ASN A 152 7.37 7.13 15.68
C ASN A 152 6.47 8.35 15.85
N ASP A 153 6.19 9.07 14.75
CA ASP A 153 5.46 10.33 14.79
C ASP A 153 3.98 10.11 14.54
N LEU A 154 3.59 8.84 14.35
CA LEU A 154 2.19 8.51 14.04
C LEU A 154 1.45 8.26 15.34
N ILE A 155 0.31 8.94 15.50
CA ILE A 155 -0.59 8.67 16.62
C ILE A 155 -1.67 7.72 16.13
N ILE A 156 -1.87 6.60 16.83
CA ILE A 156 -2.76 5.57 16.34
C ILE A 156 -3.92 5.16 17.25
N SER A 157 -5.14 5.23 16.73
CA SER A 157 -6.28 4.59 17.34
C SER A 157 -6.99 3.70 16.29
N GLY A 158 -8.23 3.32 16.57
CA GLY A 158 -9.07 2.66 15.63
C GLY A 158 -10.14 1.80 16.26
N TRP A 159 -10.66 0.85 15.48
CA TRP A 159 -11.83 0.10 15.88
C TRP A 159 -11.67 -1.41 15.80
N ASP A 160 -12.40 -2.12 16.64
CA ASP A 160 -12.41 -3.55 16.50
C ASP A 160 -13.68 -4.15 17.06
N ILE A 161 -14.28 -5.09 16.31
CA ILE A 161 -15.44 -5.84 16.80
C ILE A 161 -15.11 -6.66 18.07
N SER A 162 -13.82 -6.85 18.35
CA SER A 162 -13.38 -7.53 19.59
C SER A 162 -12.87 -6.52 20.60
N ASP A 163 -13.33 -6.60 21.84
CA ASP A 163 -12.94 -5.56 22.81
C ASP A 163 -11.60 -5.78 23.51
N SER A 164 -10.96 -6.93 23.24
CA SER A 164 -9.64 -7.25 23.78
C SER A 164 -8.70 -6.08 23.66
N ASN A 165 -7.98 -5.80 24.75
CA ASN A 165 -6.99 -4.71 24.77
C ASN A 165 -5.74 -5.19 24.04
N LEU A 166 -4.93 -4.25 23.58
CA LEU A 166 -3.82 -4.51 22.70
C LEU A 166 -2.73 -5.39 23.29
N TYR A 167 -2.79 -5.62 24.60
CA TYR A 167 -1.89 -6.59 25.23
C TYR A 167 -2.42 -8.00 25.02
N GLU A 168 -3.70 -8.24 25.31
CA GLU A 168 -4.33 -9.54 25.06
C GLU A 168 -4.31 -9.83 23.58
N ALA A 169 -4.42 -8.75 22.81
CA ALA A 169 -4.32 -8.79 21.38
C ALA A 169 -2.95 -9.30 20.86
N MET A 170 -1.87 -9.01 21.57
CA MET A 170 -0.53 -9.49 21.24
C MET A 170 -0.35 -10.98 21.52
N GLY A 171 -0.92 -11.41 22.64
CA GLY A 171 -0.91 -12.80 23.04
C GLY A 171 -1.69 -13.62 22.04
N ARG A 172 -2.79 -13.04 21.57
CA ARG A 172 -3.63 -13.64 20.53
C ARG A 172 -2.79 -13.83 19.30
N ALA A 173 -2.06 -12.80 18.88
CA ALA A 173 -1.45 -12.76 17.55
C ALA A 173 -0.24 -13.69 17.45
N LYS A 174 0.55 -13.75 18.54
CA LYS A 174 1.72 -14.68 18.61
C LYS A 174 2.85 -14.22 17.68
N VAL A 175 3.00 -12.92 17.53
CA VAL A 175 4.06 -12.33 16.70
C VAL A 175 5.34 -11.97 17.49
N PHE A 176 5.19 -11.16 18.53
CA PHE A 176 6.33 -10.78 19.34
C PHE A 176 6.66 -11.93 20.29
N GLU A 177 7.95 -12.11 20.55
CA GLU A 177 8.43 -13.10 21.51
C GLU A 177 7.89 -12.71 22.91
N PRO A 178 7.73 -13.64 23.86
CA PRO A 178 7.06 -13.35 25.12
C PRO A 178 7.70 -12.12 25.73
N GLU A 179 9.01 -12.13 25.90
CA GLU A 179 9.71 -11.02 26.53
C GLU A 179 9.27 -9.68 26.05
N LEU A 180 9.18 -9.51 24.73
CA LEU A 180 8.80 -8.22 24.13
C LEU A 180 7.34 -7.82 24.37
N GLN A 181 6.47 -8.81 24.58
CA GLN A 181 5.08 -8.54 24.91
C GLN A 181 5.03 -8.02 26.34
N GLU A 182 5.87 -8.57 27.22
CA GLU A 182 5.91 -8.04 28.60
C GLU A 182 6.42 -6.61 28.69
N LYS A 183 7.50 -6.30 28.00
CA LYS A 183 7.99 -4.94 27.93
C LYS A 183 6.94 -3.99 27.38
N LEU A 184 6.19 -4.44 26.35
CA LEU A 184 5.15 -3.60 25.74
C LEU A 184 3.83 -3.52 26.52
N ARG A 185 3.68 -4.35 27.54
CA ARG A 185 2.45 -4.43 28.32
C ARG A 185 1.88 -3.06 28.86
N PRO A 186 2.67 -2.25 29.57
CA PRO A 186 2.13 -0.99 30.11
C PRO A 186 1.76 0.05 29.02
N PHE A 187 2.10 -0.23 27.76
CA PHE A 187 1.76 0.69 26.69
C PHE A 187 0.52 0.21 25.92
N MET A 188 0.43 -1.10 25.72
CA MET A 188 -0.57 -1.71 24.89
C MET A 188 -1.79 -2.05 25.66
N GLU A 189 -1.59 -2.48 26.91
CA GLU A 189 -2.71 -2.93 27.74
C GLU A 189 -3.82 -1.88 27.91
N PRO A 190 -3.50 -0.62 28.20
CA PRO A 190 -4.54 0.43 28.29
C PRO A 190 -5.34 0.62 27.01
N ILE A 191 -4.86 0.13 25.87
CA ILE A 191 -5.56 0.41 24.61
C ILE A 191 -6.64 -0.62 24.30
N VAL A 192 -7.88 -0.18 24.31
CA VAL A 192 -9.02 -1.00 23.97
C VAL A 192 -9.67 -0.33 22.77
N PRO A 193 -9.78 -1.04 21.64
CA PRO A 193 -10.33 -0.44 20.42
C PRO A 193 -11.78 -0.01 20.59
N LEU A 194 -12.16 1.04 19.87
CA LEU A 194 -13.56 1.47 19.80
C LEU A 194 -14.45 0.38 19.19
N PRO A 195 -15.73 0.32 19.53
CA PRO A 195 -16.64 -0.62 18.89
C PRO A 195 -16.84 -0.30 17.42
N SER A 196 -17.06 -1.34 16.61
CA SER A 196 -17.16 -1.14 15.19
C SER A 196 -18.50 -1.57 14.64
N ILE A 197 -18.64 -1.40 13.33
CA ILE A 197 -19.81 -1.83 12.57
C ILE A 197 -19.55 -3.31 12.36
N TYR A 198 -20.57 -4.15 12.61
CA TYR A 198 -20.48 -5.58 12.32
C TYR A 198 -21.68 -5.99 11.49
N TYR A 199 -21.50 -6.33 10.22
CA TYR A 199 -22.60 -6.91 9.43
C TYR A 199 -22.25 -8.36 9.09
N PRO A 200 -22.74 -9.32 9.88
CA PRO A 200 -22.22 -10.70 9.86
C PRO A 200 -22.02 -11.24 8.44
N ASP A 201 -22.97 -10.90 7.57
CA ASP A 201 -23.03 -11.33 6.17
C ASP A 201 -21.88 -10.89 5.23
N PHE A 202 -21.04 -9.93 5.65
CA PHE A 202 -19.89 -9.50 4.83
C PHE A 202 -18.55 -10.18 5.15
N ILE A 203 -18.46 -11.01 6.21
CA ILE A 203 -17.20 -11.77 6.47
C ILE A 203 -17.45 -13.26 6.73
N ALA A 204 -16.39 -14.05 7.01
CA ALA A 204 -16.53 -15.49 7.32
C ALA A 204 -17.43 -15.70 8.56
N SER A 205 -18.52 -16.43 8.37
CA SER A 205 -19.45 -16.70 9.48
C SER A 205 -18.76 -17.22 10.77
N ASN A 206 -17.49 -17.64 10.63
CA ASN A 206 -16.74 -18.14 11.79
C ASN A 206 -16.24 -17.06 12.81
N GLN A 207 -16.58 -15.80 12.50
CA GLN A 207 -16.15 -14.65 13.29
C GLN A 207 -17.18 -14.18 14.34
N GLY A 208 -18.29 -14.91 14.47
CA GLY A 208 -19.44 -14.51 15.33
C GLY A 208 -19.08 -14.43 16.80
N ASP A 209 -18.53 -15.53 17.32
CA ASP A 209 -17.90 -15.62 18.65
C ASP A 209 -17.01 -14.43 19.08
N ARG A 210 -16.27 -13.85 18.13
CA ARG A 210 -15.27 -12.83 18.43
C ARG A 210 -15.88 -11.42 18.59
N ALA A 211 -17.10 -11.27 18.08
CA ALA A 211 -17.69 -9.96 17.93
C ALA A 211 -18.51 -9.55 19.15
N ASN A 212 -17.85 -8.88 20.12
CA ASN A 212 -18.47 -8.46 21.34
C ASN A 212 -18.33 -6.95 21.60
N ASN A 213 -17.92 -6.21 20.57
CA ASN A 213 -17.63 -4.77 20.63
C ASN A 213 -18.26 -4.12 19.39
N VAL A 214 -19.59 -4.15 19.28
CA VAL A 214 -20.28 -3.60 18.10
C VAL A 214 -21.25 -2.44 18.36
N ILE A 215 -21.27 -1.49 17.43
CA ILE A 215 -22.22 -0.36 17.47
C ILE A 215 -23.64 -0.94 17.40
N PRO A 216 -24.55 -0.57 18.33
CA PRO A 216 -25.93 -1.10 18.31
C PRO A 216 -26.72 -0.73 17.03
N GLY A 217 -27.83 -1.40 16.77
CA GLY A 217 -28.76 -1.04 15.68
C GLY A 217 -28.43 -1.55 14.29
N ASP A 218 -29.38 -1.39 13.36
CA ASP A 218 -29.21 -1.79 11.93
C ASP A 218 -29.40 -0.65 10.96
N ASN A 219 -29.44 0.58 11.48
CA ASN A 219 -29.54 1.77 10.66
C ASN A 219 -28.12 2.18 10.28
N LYS A 220 -27.82 2.06 9.00
CA LYS A 220 -26.47 2.26 8.46
C LYS A 220 -26.06 3.72 8.44
N LEU A 221 -27.06 4.61 8.37
CA LEU A 221 -26.80 6.06 8.41
C LEU A 221 -26.45 6.52 9.83
N GLU A 222 -27.09 5.93 10.83
CA GLU A 222 -26.64 6.17 12.20
C GLU A 222 -25.24 5.63 12.38
N HIS A 223 -24.95 4.48 11.77
CA HIS A 223 -23.58 3.94 11.81
C HIS A 223 -22.59 4.90 11.19
N LEU A 224 -22.95 5.43 10.01
CA LEU A 224 -22.13 6.41 9.30
C LEU A 224 -21.79 7.59 10.17
N GLU A 225 -22.79 8.08 10.87
CA GLU A 225 -22.65 9.24 11.73
C GLU A 225 -21.81 8.91 12.94
N HIS A 226 -21.88 7.67 13.40
CA HIS A 226 -21.18 7.28 14.62
C HIS A 226 -19.68 7.29 14.37
N ILE A 227 -19.26 6.71 13.25
CA ILE A 227 -17.84 6.74 12.84
C ILE A 227 -17.37 8.14 12.50
N ARG A 228 -18.19 8.93 11.81
CA ARG A 228 -17.84 10.33 11.58
C ARG A 228 -17.48 10.94 12.93
N ALA A 229 -18.33 10.70 13.92
CA ALA A 229 -18.18 11.26 15.27
C ALA A 229 -16.85 10.83 15.86
N ASP A 230 -16.46 9.57 15.56
CA ASP A 230 -15.23 8.96 16.06
C ASP A 230 -14.00 9.62 15.50
N ILE A 231 -14.09 10.02 14.24
CA ILE A 231 -12.96 10.62 13.53
C ILE A 231 -12.70 12.05 13.99
N ARG A 232 -13.78 12.86 14.07
CA ARG A 232 -13.65 14.26 14.44
C ARG A 232 -13.04 14.41 15.81
N LYS A 233 -13.44 13.56 16.74
CA LYS A 233 -12.97 13.63 18.12
C LYS A 233 -11.50 13.24 18.21
N PHE A 234 -11.11 12.27 17.39
CA PHE A 234 -9.72 11.84 17.34
C PHE A 234 -8.90 13.02 16.82
N LYS A 235 -9.36 13.63 15.73
CA LYS A 235 -8.70 14.77 15.12
C LYS A 235 -8.63 15.94 16.11
N GLN A 236 -9.73 16.26 16.77
CA GLN A 236 -9.76 17.24 17.87
C GLN A 236 -8.83 16.87 19.05
N GLU A 237 -9.06 15.71 19.65
CA GLU A 237 -8.36 15.29 20.87
C GLU A 237 -6.82 15.29 20.76
N HIS A 238 -6.29 15.17 19.54
CA HIS A 238 -4.83 15.23 19.37
C HIS A 238 -4.42 16.35 18.42
N GLU A 239 -5.40 17.12 17.94
CA GLU A 239 -5.09 18.35 17.24
C GLU A 239 -4.30 18.05 15.96
N LEU A 240 -4.78 17.04 15.24
CA LEU A 240 -4.12 16.48 14.06
C LEU A 240 -4.36 17.31 12.82
N GLU A 241 -3.35 17.43 11.98
CA GLU A 241 -3.53 18.07 10.70
C GLU A 241 -3.71 17.09 9.55
N CYS A 242 -3.37 15.81 9.75
CA CYS A 242 -3.62 14.76 8.73
C CYS A 242 -4.20 13.54 9.38
N VAL A 243 -5.36 13.10 8.91
CA VAL A 243 -6.01 11.92 9.46
C VAL A 243 -6.09 10.91 8.33
N ILE A 244 -5.59 9.71 8.59
CA ILE A 244 -5.66 8.62 7.63
C ILE A 244 -6.40 7.47 8.30
N VAL A 245 -7.37 6.92 7.57
CA VAL A 245 -8.08 5.74 7.98
C VAL A 245 -7.65 4.56 7.10
N LEU A 246 -7.41 3.42 7.74
CA LEU A 246 -6.87 2.29 7.00
C LEU A 246 -7.51 0.99 7.46
N TRP A 247 -7.99 0.23 6.48
CA TRP A 247 -8.64 -1.03 6.71
C TRP A 247 -7.62 -2.19 6.76
N THR A 248 -7.54 -2.79 7.93
CA THR A 248 -6.75 -3.98 8.16
C THR A 248 -7.54 -4.94 9.08
N ALA A 249 -8.86 -4.94 8.90
CA ALA A 249 -9.76 -5.94 9.48
C ALA A 249 -10.01 -7.12 8.50
N ASN A 250 -10.86 -8.08 8.87
CA ASN A 250 -11.01 -9.26 8.05
C ASN A 250 -11.54 -8.96 6.68
N THR A 251 -11.03 -9.74 5.74
CA THR A 251 -11.45 -9.69 4.37
C THR A 251 -12.95 -9.85 4.37
N GLU A 252 -13.66 -8.85 3.87
CA GLU A 252 -15.10 -8.96 3.55
C GLU A 252 -15.25 -9.62 2.18
N ARG A 253 -16.44 -10.12 1.86
CA ARG A 253 -16.75 -10.43 0.44
C ARG A 253 -16.96 -9.14 -0.35
N TYR A 254 -17.04 -9.30 -1.66
CA TYR A 254 -17.35 -8.25 -2.61
C TYR A 254 -18.81 -7.87 -2.47
N THR A 255 -19.11 -6.59 -2.62
CA THR A 255 -20.47 -6.12 -2.80
C THR A 255 -20.83 -6.30 -4.28
N ASP A 256 -22.12 -6.23 -4.63
CA ASP A 256 -22.51 -6.04 -6.04
C ASP A 256 -22.04 -4.65 -6.45
N VAL A 257 -21.91 -4.43 -7.76
CA VAL A 257 -21.64 -3.10 -8.31
C VAL A 257 -22.64 -2.89 -9.44
N ARG A 258 -23.36 -1.76 -9.40
CA ARG A 258 -24.42 -1.46 -10.38
C ARG A 258 -24.94 -0.06 -10.16
N GLN A 259 -25.50 0.53 -11.20
CA GLN A 259 -26.15 1.84 -11.06
C GLN A 259 -27.47 1.65 -10.33
N GLY A 260 -27.78 2.59 -9.44
CA GLY A 260 -28.87 2.45 -8.49
C GLY A 260 -28.31 2.27 -7.08
N LEU A 261 -27.16 1.60 -7.01
CA LEU A 261 -26.59 1.20 -5.74
C LEU A 261 -25.36 2.01 -5.37
N ASN A 262 -24.34 1.98 -6.23
CA ASN A 262 -23.03 2.52 -5.88
C ASN A 262 -22.14 2.93 -7.07
N ALA A 263 -22.73 3.21 -8.22
CA ALA A 263 -21.96 3.68 -9.40
C ALA A 263 -21.56 5.14 -9.28
N THR A 264 -22.36 5.92 -8.54
CA THR A 264 -22.02 7.33 -8.32
C THR A 264 -22.03 7.65 -6.85
N ALA A 265 -21.48 8.82 -6.51
CA ALA A 265 -21.44 9.33 -5.13
C ALA A 265 -22.81 9.49 -4.52
N ASP A 266 -23.73 10.08 -5.29
CA ASP A 266 -25.08 10.34 -4.85
C ASP A 266 -25.85 9.05 -4.67
N GLU A 267 -25.58 8.08 -5.54
CA GLU A 267 -26.08 6.71 -5.35
C GLU A 267 -25.62 6.07 -4.05
N ILE A 268 -24.32 6.10 -3.78
CA ILE A 268 -23.81 5.47 -2.55
C ILE A 268 -24.36 6.14 -1.27
N MET A 269 -24.50 7.47 -1.28
CA MET A 269 -25.08 8.22 -0.16
C MET A 269 -26.53 7.86 0.04
N GLU A 270 -27.27 7.80 -1.05
CA GLU A 270 -28.68 7.40 -0.97
C GLU A 270 -28.83 5.96 -0.44
N SER A 271 -28.05 5.00 -0.96
CA SER A 271 -28.14 3.60 -0.48
C SER A 271 -27.94 3.52 1.05
N ILE A 272 -27.07 4.35 1.59
CA ILE A 272 -26.85 4.41 3.05
C ILE A 272 -28.08 5.00 3.77
N ARG A 273 -28.68 6.00 3.15
CA ARG A 273 -29.86 6.64 3.73
C ARG A 273 -31.05 5.66 3.79
N VAL A 274 -31.31 4.94 2.71
CA VAL A 274 -32.44 3.99 2.62
C VAL A 274 -32.11 2.58 3.15
N ASN A 275 -30.94 2.43 3.77
CA ASN A 275 -30.54 1.19 4.47
C ASN A 275 -30.38 -0.05 3.60
N GLU A 276 -29.87 0.18 2.40
CA GLU A 276 -29.62 -0.84 1.42
C GLU A 276 -28.74 -1.95 1.99
N ASP A 277 -28.93 -3.16 1.47
CA ASP A 277 -28.21 -4.33 1.94
C ASP A 277 -26.78 -4.44 1.44
N GLU A 278 -26.58 -4.31 0.12
CA GLU A 278 -25.25 -4.37 -0.49
C GLU A 278 -24.45 -3.10 -0.22
N VAL A 279 -24.41 -2.69 1.04
CA VAL A 279 -23.54 -1.62 1.48
C VAL A 279 -22.73 -2.16 2.67
N SER A 280 -21.44 -2.35 2.46
CA SER A 280 -20.59 -3.01 3.43
C SER A 280 -20.14 -2.10 4.57
N PRO A 281 -19.72 -2.69 5.67
CA PRO A 281 -19.05 -1.98 6.76
C PRO A 281 -17.85 -1.18 6.22
N SER A 282 -17.13 -1.76 5.25
CA SER A 282 -15.98 -1.09 4.69
C SER A 282 -16.37 0.07 3.82
N ASN A 283 -17.59 0.06 3.27
CA ASN A 283 -18.11 1.21 2.52
C ASN A 283 -18.38 2.37 3.47
N ILE A 284 -18.91 2.07 4.65
CA ILE A 284 -19.31 3.08 5.62
C ILE A 284 -18.08 3.77 6.20
N PHE A 285 -17.09 3.00 6.67
CA PHE A 285 -15.80 3.61 6.95
C PHE A 285 -15.27 4.46 5.80
N ALA A 286 -15.25 3.97 4.57
CA ALA A 286 -14.66 4.80 3.52
C ALA A 286 -15.41 6.13 3.46
N VAL A 287 -16.74 6.05 3.49
CA VAL A 287 -17.60 7.26 3.52
C VAL A 287 -17.38 8.15 4.75
N ALA A 288 -17.33 7.57 5.95
CA ALA A 288 -17.10 8.39 7.14
C ALA A 288 -15.76 9.14 7.09
N SER A 289 -14.80 8.57 6.36
CA SER A 289 -13.43 9.07 6.27
C SER A 289 -13.43 10.26 5.36
N ILE A 290 -13.97 10.05 4.16
CA ILE A 290 -14.00 11.08 3.14
C ILE A 290 -14.78 12.27 3.64
N LEU A 291 -16.00 12.04 4.12
CA LEU A 291 -16.85 13.13 4.62
C LEU A 291 -16.19 13.97 5.71
N GLU A 292 -15.27 13.36 6.46
CA GLU A 292 -14.46 14.07 7.48
C GLU A 292 -13.08 14.55 7.03
N GLY A 293 -12.80 14.49 5.73
CA GLY A 293 -11.50 14.96 5.25
C GLY A 293 -10.30 14.08 5.58
N ALA A 294 -10.55 12.88 6.13
CA ALA A 294 -9.54 11.82 6.30
C ALA A 294 -9.36 11.01 5.01
N HIS A 295 -8.15 10.53 4.76
CA HIS A 295 -7.87 9.74 3.59
C HIS A 295 -8.14 8.29 3.96
N TYR A 296 -8.37 7.47 2.96
CA TYR A 296 -8.77 6.11 3.22
C TYR A 296 -7.96 5.09 2.40
N ILE A 297 -7.30 4.18 3.13
CA ILE A 297 -6.55 3.03 2.54
C ILE A 297 -7.18 1.67 2.83
N ASN A 298 -7.36 0.89 1.76
CA ASN A 298 -7.91 -0.46 1.82
C ASN A 298 -6.80 -1.52 1.68
N GLY A 299 -6.48 -2.18 2.79
CA GLY A 299 -5.42 -3.16 2.91
C GLY A 299 -5.88 -4.57 2.60
N SER A 300 -7.18 -4.72 2.31
CA SER A 300 -7.78 -6.03 2.08
C SER A 300 -8.31 -6.15 0.63
N PRO A 301 -8.65 -7.38 0.24
CA PRO A 301 -9.09 -7.67 -1.11
C PRO A 301 -10.45 -7.11 -1.51
N GLN A 302 -11.38 -6.82 -0.56
CA GLN A 302 -12.73 -6.43 -0.98
C GLN A 302 -12.76 -5.16 -1.82
N ASN A 303 -13.83 -5.03 -2.59
CA ASN A 303 -13.98 -3.93 -3.56
C ASN A 303 -14.59 -2.64 -3.00
N THR A 304 -14.08 -2.23 -1.83
CA THR A 304 -14.58 -1.08 -1.14
C THR A 304 -14.67 0.17 -2.03
N LEU A 305 -13.62 0.41 -2.82
CA LEU A 305 -13.50 1.62 -3.63
C LEU A 305 -14.21 1.51 -4.98
N VAL A 306 -15.50 1.16 -4.91
CA VAL A 306 -16.40 1.22 -6.05
C VAL A 306 -16.42 2.65 -6.68
N PRO A 307 -16.88 2.78 -7.92
CA PRO A 307 -16.84 4.08 -8.63
C PRO A 307 -17.52 5.23 -7.84
N GLY A 308 -18.65 4.94 -7.22
CA GLY A 308 -19.31 5.92 -6.38
C GLY A 308 -18.43 6.50 -5.29
N LEU A 309 -17.61 5.66 -4.69
CA LEU A 309 -16.64 6.06 -3.67
C LEU A 309 -15.48 6.93 -4.20
N ILE A 310 -14.85 6.46 -5.26
CA ILE A 310 -13.83 7.27 -5.90
C ILE A 310 -14.42 8.65 -6.19
N GLU A 311 -15.53 8.69 -6.94
CA GLU A 311 -16.21 9.97 -7.19
C GLU A 311 -16.41 10.81 -5.91
N LEU A 312 -16.71 10.17 -4.80
CA LEU A 312 -16.97 10.91 -3.56
C LEU A 312 -15.67 11.48 -3.01
N ALA A 313 -14.60 10.69 -3.11
CA ALA A 313 -13.29 11.17 -2.77
C ALA A 313 -12.84 12.31 -3.70
N GLU A 314 -13.08 12.20 -5.02
CA GLU A 314 -12.71 13.26 -5.97
C GLU A 314 -13.40 14.57 -5.53
N ARG A 315 -14.68 14.45 -5.19
CA ARG A 315 -15.51 15.59 -4.85
C ARG A 315 -15.13 16.21 -3.52
N HIS A 316 -14.52 15.43 -2.64
CA HIS A 316 -14.20 15.94 -1.30
C HIS A 316 -12.72 16.24 -1.08
N LYS A 317 -11.92 16.07 -2.14
CA LYS A 317 -10.50 16.41 -2.15
C LYS A 317 -9.66 15.61 -1.15
N VAL A 318 -9.90 14.30 -1.17
CA VAL A 318 -9.25 13.34 -0.28
C VAL A 318 -8.64 12.19 -1.13
N PHE A 319 -7.61 11.52 -0.63
CA PHE A 319 -6.99 10.42 -1.38
C PHE A 319 -7.52 9.08 -0.93
N VAL A 320 -7.70 8.19 -1.92
CA VAL A 320 -8.02 6.80 -1.63
C VAL A 320 -6.89 5.89 -2.08
N GLY A 321 -6.80 4.69 -1.51
CA GLY A 321 -5.78 3.69 -1.90
C GLY A 321 -6.20 2.24 -1.68
N GLY A 322 -5.59 1.32 -2.44
CA GLY A 322 -5.87 -0.12 -2.37
C GLY A 322 -5.52 -0.82 -3.67
N ASP A 323 -5.71 -2.14 -3.75
CA ASP A 323 -6.26 -2.91 -2.69
C ASP A 323 -5.29 -4.03 -2.35
N ASP A 324 -5.14 -4.29 -1.06
CA ASP A 324 -4.61 -5.56 -0.52
C ASP A 324 -3.08 -5.55 -0.43
N PHE A 325 -2.58 -5.61 0.82
CA PHE A 325 -1.15 -5.58 1.08
C PHE A 325 -0.46 -6.54 0.21
N LYS A 326 0.64 -6.08 -0.34
CA LYS A 326 1.50 -6.94 -1.10
C LYS A 326 2.72 -7.25 -0.27
N SER A 327 2.58 -8.28 0.55
CA SER A 327 3.56 -8.52 1.62
C SER A 327 4.61 -9.62 1.31
N GLY A 328 4.19 -10.72 0.68
CA GLY A 328 5.03 -11.92 0.64
C GLY A 328 5.15 -12.60 -0.71
N GLN A 329 4.31 -13.60 -0.93
CA GLN A 329 4.39 -14.44 -2.14
C GLN A 329 4.14 -13.65 -3.45
N THR A 330 3.23 -12.67 -3.37
CA THR A 330 2.88 -11.79 -4.50
C THR A 330 3.92 -10.67 -4.75
N LYS A 331 4.58 -10.18 -3.68
CA LYS A 331 5.67 -9.19 -3.81
C LYS A 331 6.79 -9.84 -4.64
N PHE A 332 7.18 -11.06 -4.24
CA PHE A 332 8.12 -11.86 -5.01
C PHE A 332 7.60 -12.12 -6.42
N LYS A 333 6.40 -12.71 -6.56
CA LYS A 333 5.84 -12.99 -7.88
C LYS A 333 5.99 -11.78 -8.81
N SER A 334 5.59 -10.63 -8.27
CA SER A 334 5.71 -9.30 -8.90
C SER A 334 7.08 -8.97 -9.49
N ALA A 335 8.15 -9.18 -8.72
CA ALA A 335 9.48 -8.90 -9.22
C ALA A 335 10.08 -10.00 -10.16
N PHE A 336 9.63 -11.25 -9.97
CA PHE A 336 10.20 -12.45 -10.62
C PHE A 336 9.65 -12.68 -12.03
N VAL A 337 8.35 -12.47 -12.20
CA VAL A 337 7.73 -12.58 -13.52
C VAL A 337 8.20 -11.44 -14.46
N ASP A 338 8.44 -10.25 -13.89
CA ASP A 338 9.05 -9.10 -14.61
C ASP A 338 10.48 -9.43 -15.11
N PHE A 339 11.35 -9.76 -14.16
CA PHE A 339 12.69 -10.26 -14.45
C PHE A 339 12.66 -11.36 -15.55
N LEU A 340 11.75 -12.34 -15.45
CA LEU A 340 11.69 -13.44 -16.45
C LEU A 340 11.18 -13.02 -17.85
N VAL A 341 10.22 -12.10 -17.94
CA VAL A 341 9.76 -11.66 -19.26
C VAL A 341 10.78 -10.70 -19.91
N SER A 342 11.39 -9.85 -19.09
CA SER A 342 12.50 -8.98 -19.51
C SER A 342 13.69 -9.79 -20.06
N SER A 343 13.99 -10.94 -19.43
CA SER A 343 15.05 -11.84 -19.88
C SER A 343 14.70 -12.66 -21.14
N GLY A 344 13.53 -12.48 -21.73
CA GLY A 344 13.14 -13.23 -22.94
C GLY A 344 12.60 -14.65 -22.77
N MET A 345 11.89 -14.85 -21.65
CA MET A 345 11.40 -16.14 -21.13
C MET A 345 9.87 -16.16 -21.01
N LYS A 346 9.24 -17.23 -21.49
CA LYS A 346 7.77 -17.38 -21.43
C LYS A 346 7.30 -18.21 -20.23
N PRO A 347 6.79 -17.55 -19.18
CA PRO A 347 6.06 -18.26 -18.12
C PRO A 347 4.92 -19.08 -18.74
N GLU A 348 4.87 -20.37 -18.41
CA GLU A 348 3.88 -21.28 -19.00
C GLU A 348 2.84 -21.74 -17.97
N SER A 349 3.28 -21.75 -16.72
CA SER A 349 2.58 -22.35 -15.62
C SER A 349 3.04 -21.63 -14.35
N ILE A 350 2.10 -21.05 -13.60
CA ILE A 350 2.41 -20.47 -12.28
C ILE A 350 1.47 -21.08 -11.23
N VAL A 351 2.01 -21.86 -10.31
CA VAL A 351 1.17 -22.43 -9.24
C VAL A 351 1.65 -21.94 -7.87
N SER A 352 0.72 -21.33 -7.13
CA SER A 352 0.99 -20.68 -5.81
C SER A 352 0.13 -21.20 -4.66
N TYR A 353 0.69 -22.14 -3.89
CA TYR A 353 0.08 -22.61 -2.65
C TYR A 353 0.45 -21.74 -1.44
N ASN A 354 -0.48 -21.68 -0.48
CA ASN A 354 -0.28 -20.90 0.75
C ASN A 354 -1.02 -21.59 1.88
N HIS A 355 -0.36 -21.69 3.04
CA HIS A 355 -1.03 -22.07 4.28
C HIS A 355 -0.60 -21.23 5.50
N LEU A 356 -1.57 -20.98 6.36
CA LEU A 356 -1.36 -20.18 7.60
C LEU A 356 -2.42 -20.52 8.65
N GLY A 357 -2.15 -20.14 9.89
CA GLY A 357 -3.01 -20.57 10.98
C GLY A 357 -3.52 -19.45 11.84
N ASN A 358 -3.34 -18.21 11.36
CA ASN A 358 -3.74 -17.01 12.10
C ASN A 358 -5.24 -16.73 11.89
N ASN A 359 -5.78 -15.64 12.44
CA ASN A 359 -7.20 -15.29 12.20
C ASN A 359 -7.50 -14.88 10.76
N ASP A 360 -6.46 -14.41 10.06
CA ASP A 360 -6.55 -14.10 8.63
C ASP A 360 -6.91 -15.40 7.85
N GLY A 361 -6.17 -16.49 8.10
CA GLY A 361 -6.46 -17.79 7.45
C GLY A 361 -7.81 -18.42 7.77
N LYS A 362 -8.18 -18.37 9.05
CA LYS A 362 -9.47 -18.87 9.54
C LYS A 362 -10.66 -18.15 8.86
N ASN A 363 -10.45 -16.85 8.57
CA ASN A 363 -11.42 -16.06 7.79
C ASN A 363 -11.49 -16.43 6.31
N LEU A 364 -10.32 -16.66 5.71
CA LEU A 364 -10.21 -17.09 4.32
C LEU A 364 -10.48 -18.60 4.13
N SER A 365 -10.94 -19.27 5.21
CA SER A 365 -11.50 -20.66 5.16
C SER A 365 -12.74 -20.63 4.30
N GLU A 366 -13.47 -19.51 4.38
CA GLU A 366 -14.79 -19.41 3.71
C GLU A 366 -14.73 -18.84 2.29
N ALA A 367 -15.63 -19.33 1.43
CA ALA A 367 -15.45 -19.23 -0.03
C ALA A 367 -15.47 -17.81 -0.61
N ARG A 368 -16.50 -17.03 -0.27
CA ARG A 368 -16.66 -15.62 -0.72
C ARG A 368 -15.53 -14.67 -0.30
N GLN A 369 -14.89 -14.99 0.82
CA GLN A 369 -13.72 -14.25 1.34
C GLN A 369 -12.44 -14.67 0.60
N PHE A 370 -12.25 -15.99 0.45
CA PHE A 370 -11.18 -16.52 -0.43
C PHE A 370 -11.25 -16.01 -1.87
N ARG A 371 -12.45 -15.86 -2.46
CA ARG A 371 -12.56 -15.15 -3.76
C ARG A 371 -11.93 -13.75 -3.74
N SER A 372 -12.34 -12.88 -2.78
CA SER A 372 -11.74 -11.53 -2.65
C SER A 372 -10.22 -11.65 -2.90
N LYS A 373 -9.57 -12.49 -2.11
CA LYS A 373 -8.10 -12.69 -2.13
C LYS A 373 -7.52 -13.40 -3.38
N GLU A 374 -8.11 -14.54 -3.78
CA GLU A 374 -7.76 -15.22 -5.05
C GLU A 374 -7.63 -14.28 -6.25
N ILE A 375 -8.64 -13.43 -6.48
CA ILE A 375 -8.63 -12.45 -7.60
C ILE A 375 -7.39 -11.53 -7.58
N SER A 376 -7.09 -10.96 -6.40
CA SER A 376 -6.00 -9.98 -6.23
C SER A 376 -4.60 -10.60 -6.29
N LYS A 377 -4.48 -11.85 -5.82
CA LYS A 377 -3.26 -12.65 -5.99
C LYS A 377 -3.01 -13.09 -7.46
N SER A 378 -4.09 -13.46 -8.17
CA SER A 378 -4.04 -13.97 -9.54
C SER A 378 -3.79 -12.88 -10.59
N SER A 379 -3.98 -11.61 -10.20
CA SER A 379 -4.04 -10.49 -11.18
C SER A 379 -2.70 -9.88 -11.66
N VAL A 380 -1.59 -10.20 -10.99
CA VAL A 380 -0.31 -9.46 -11.13
C VAL A 380 0.59 -9.74 -12.36
N VAL A 381 0.19 -10.68 -13.22
CA VAL A 381 0.96 -10.96 -14.43
C VAL A 381 0.18 -10.62 -15.74
N ASP A 382 -0.71 -9.63 -15.66
CA ASP A 382 -1.51 -9.24 -16.82
C ASP A 382 -0.76 -8.24 -17.68
N ASP A 383 -0.36 -7.13 -17.06
CA ASP A 383 0.38 -6.09 -17.77
C ASP A 383 1.73 -6.57 -18.35
N MET A 384 2.32 -7.59 -17.74
CA MET A 384 3.56 -8.21 -18.24
C MET A 384 3.35 -9.13 -19.46
N VAL A 385 2.28 -9.93 -19.44
CA VAL A 385 1.98 -10.80 -20.58
C VAL A 385 1.60 -9.95 -21.80
N LYS A 386 1.00 -8.77 -21.57
CA LYS A 386 0.61 -7.82 -22.62
C LYS A 386 1.81 -7.02 -23.15
N SER A 387 2.83 -6.87 -22.31
CA SER A 387 4.09 -6.19 -22.66
C SER A 387 4.89 -6.85 -23.80
N ASN A 388 4.68 -8.14 -24.03
CA ASN A 388 5.57 -8.90 -24.91
C ASN A 388 4.84 -9.85 -25.85
N GLN A 389 4.65 -9.40 -27.09
CA GLN A 389 3.93 -10.21 -28.07
C GLN A 389 4.79 -11.16 -28.90
N ILE A 390 6.11 -11.17 -28.68
CA ILE A 390 6.97 -12.22 -29.26
C ILE A 390 6.75 -13.48 -28.42
N LEU A 391 6.96 -13.35 -27.12
CA LEU A 391 6.72 -14.41 -26.14
C LEU A 391 5.26 -14.87 -26.15
N PHE A 392 4.36 -13.89 -26.05
CA PHE A 392 2.90 -14.14 -25.97
C PHE A 392 2.14 -13.58 -27.20
N PRO A 393 2.28 -14.22 -28.38
CA PRO A 393 1.68 -13.64 -29.60
C PRO A 393 0.17 -13.38 -29.42
N ASP A 394 -0.53 -14.33 -28.77
CA ASP A 394 -1.98 -14.25 -28.59
C ASP A 394 -2.38 -13.64 -27.23
N ALA A 395 -1.39 -13.10 -26.51
CA ALA A 395 -1.59 -12.47 -25.19
C ALA A 395 -2.32 -13.35 -24.16
N LYS A 396 -2.23 -14.67 -24.31
CA LYS A 396 -2.87 -15.62 -23.40
C LYS A 396 -2.01 -15.85 -22.16
N ASN A 397 -2.54 -15.44 -21.01
CA ASN A 397 -1.91 -15.70 -19.71
C ASN A 397 -1.55 -17.19 -19.56
N PRO A 398 -0.47 -17.49 -18.82
CA PRO A 398 -0.13 -18.88 -18.54
C PRO A 398 -1.11 -19.52 -17.52
N ASP A 399 -1.12 -20.87 -17.41
CA ASP A 399 -1.91 -21.56 -16.36
C ASP A 399 -1.50 -20.87 -15.05
N TYR A 400 -2.47 -20.46 -14.24
CA TYR A 400 -2.17 -19.65 -13.05
C TYR A 400 -3.09 -20.00 -11.91
N CYS A 401 -2.54 -20.66 -10.90
CA CYS A 401 -3.39 -21.24 -9.88
C CYS A 401 -2.95 -20.72 -8.51
N VAL A 402 -3.93 -20.26 -7.73
CA VAL A 402 -3.68 -19.64 -6.41
C VAL A 402 -4.48 -20.35 -5.32
N VAL A 403 -3.78 -21.02 -4.37
CA VAL A 403 -4.44 -21.71 -3.24
C VAL A 403 -4.13 -21.06 -1.87
N ILE A 404 -5.14 -20.91 -1.03
CA ILE A 404 -4.91 -20.57 0.41
C ILE A 404 -5.64 -21.54 1.30
N LYS A 405 -4.88 -22.06 2.27
CA LYS A 405 -5.39 -23.05 3.22
C LYS A 405 -5.25 -22.66 4.68
N TYR A 406 -6.26 -23.01 5.47
CA TYR A 406 -6.19 -22.73 6.88
C TYR A 406 -5.57 -23.92 7.63
N VAL A 407 -4.34 -23.71 8.10
CA VAL A 407 -3.57 -24.70 8.86
C VAL A 407 -3.18 -24.06 10.20
N PRO A 408 -3.96 -24.33 11.25
CA PRO A 408 -3.74 -23.74 12.58
C PRO A 408 -2.28 -23.78 13.05
N TYR A 409 -1.59 -24.91 12.82
CA TYR A 409 -0.27 -25.14 13.43
C TYR A 409 0.82 -24.07 13.15
N VAL A 410 0.96 -23.68 11.88
CA VAL A 410 1.95 -22.68 11.47
C VAL A 410 1.61 -21.24 11.95
N ALA A 411 0.35 -21.03 12.35
CA ALA A 411 -0.12 -19.75 12.92
C ALA A 411 0.13 -18.53 12.02
N ASP A 412 0.85 -17.53 12.52
CA ASP A 412 1.23 -16.34 11.72
C ASP A 412 2.35 -16.60 10.69
N SER A 413 3.01 -17.75 10.81
CA SER A 413 4.13 -18.09 9.94
C SER A 413 3.57 -18.67 8.63
N LYS A 414 3.00 -17.83 7.76
CA LYS A 414 2.45 -18.42 6.49
C LYS A 414 3.55 -19.08 5.66
N ARG A 415 3.15 -20.10 4.90
CA ARG A 415 4.07 -20.88 4.08
C ARG A 415 3.66 -20.78 2.61
N ALA A 416 4.52 -20.15 1.81
CA ALA A 416 4.21 -19.95 0.40
C ALA A 416 4.99 -20.98 -0.39
N MET A 417 4.29 -21.85 -1.11
CA MET A 417 4.95 -22.86 -1.95
C MET A 417 4.54 -22.64 -3.38
N ASP A 418 5.54 -22.41 -4.24
CA ASP A 418 5.30 -21.99 -5.62
C ASP A 418 6.09 -22.83 -6.60
N GLU A 419 5.49 -23.03 -7.76
CA GLU A 419 6.21 -23.61 -8.91
C GLU A 419 6.07 -22.69 -10.13
N TYR A 420 7.21 -22.21 -10.66
CA TYR A 420 7.21 -21.51 -11.96
C TYR A 420 7.84 -22.38 -13.06
N ILE A 421 7.10 -22.59 -14.16
CA ILE A 421 7.61 -23.30 -15.33
C ILE A 421 7.60 -22.38 -16.54
N CYS A 422 8.77 -22.21 -17.14
CA CYS A 422 8.94 -21.30 -18.26
C CYS A 422 9.41 -22.11 -19.42
N SER A 423 9.05 -21.64 -20.60
CA SER A 423 9.71 -22.10 -21.83
C SER A 423 10.82 -21.09 -22.21
N ILE A 424 11.98 -21.64 -22.54
CA ILE A 424 13.18 -20.87 -22.84
C ILE A 424 13.63 -21.21 -24.29
N PHE A 425 14.89 -20.92 -24.63
CA PHE A 425 15.50 -21.27 -25.91
C PHE A 425 15.19 -22.69 -26.46
N MET A 426 14.73 -22.74 -27.71
CA MET A 426 14.58 -24.01 -28.46
C MET A 426 13.68 -25.03 -27.75
N GLY A 427 12.60 -24.54 -27.13
CA GLY A 427 11.55 -25.40 -26.54
C GLY A 427 12.03 -26.15 -25.31
N GLY A 428 13.25 -25.83 -24.89
CA GLY A 428 13.72 -26.20 -23.57
C GLY A 428 12.81 -25.64 -22.50
N LYS A 429 12.93 -26.20 -21.30
CA LYS A 429 12.16 -25.74 -20.15
C LYS A 429 13.07 -25.38 -18.99
N GLN A 430 12.63 -24.40 -18.18
CA GLN A 430 13.24 -24.03 -16.91
C GLN A 430 12.19 -24.00 -15.78
N THR A 431 12.43 -24.80 -14.75
CA THR A 431 11.49 -24.96 -13.69
C THR A 431 12.12 -24.43 -12.39
N PHE A 432 11.46 -23.46 -11.77
CA PHE A 432 11.86 -22.96 -10.44
C PHE A 432 10.83 -23.44 -9.43
N VAL A 433 11.26 -24.21 -8.43
CA VAL A 433 10.42 -24.54 -7.27
C VAL A 433 10.87 -23.68 -6.07
N VAL A 434 9.93 -23.10 -5.30
CA VAL A 434 10.23 -22.10 -4.24
C VAL A 434 9.51 -22.39 -2.91
N HIS A 435 10.21 -22.26 -1.79
CA HIS A 435 9.56 -22.28 -0.46
C HIS A 435 9.93 -21.04 0.37
N ASN A 436 8.89 -20.30 0.79
CA ASN A 436 8.97 -18.96 1.36
C ASN A 436 8.26 -18.79 2.73
N THR A 437 9.04 -18.74 3.80
CA THR A 437 8.49 -18.56 5.16
C THR A 437 8.17 -17.06 5.41
N CYS A 438 6.87 -16.74 5.39
CA CYS A 438 6.35 -15.35 5.47
C CYS A 438 5.72 -15.06 6.83
N GLU A 439 6.45 -14.32 7.65
CA GLU A 439 5.91 -13.96 8.96
C GLU A 439 4.93 -12.84 8.69
N ASP A 440 3.71 -13.21 8.30
CA ASP A 440 2.80 -12.24 7.67
C ASP A 440 2.74 -10.87 8.37
N SER A 441 2.54 -10.89 9.70
CA SER A 441 2.34 -9.65 10.46
C SER A 441 3.59 -8.77 10.39
N LEU A 442 4.75 -9.43 10.41
CA LEU A 442 6.05 -8.78 10.31
C LEU A 442 6.31 -8.30 8.87
N LEU A 443 5.66 -8.93 7.91
CA LEU A 443 5.71 -8.42 6.56
C LEU A 443 4.73 -7.24 6.39
N ALA A 444 3.51 -7.38 6.93
CA ALA A 444 2.38 -6.43 6.70
C ALA A 444 2.48 -5.07 7.35
N SER A 445 2.83 -5.03 8.66
CA SER A 445 2.89 -3.80 9.45
C SER A 445 3.78 -2.74 8.82
N PRO A 446 5.05 -3.02 8.54
CA PRO A 446 5.86 -2.00 7.92
C PRO A 446 5.13 -1.37 6.71
N LEU A 447 4.31 -2.15 6.00
CA LEU A 447 3.57 -1.68 4.82
C LEU A 447 2.44 -0.77 5.24
N ILE A 448 1.91 -1.03 6.42
CA ILE A 448 0.93 -0.13 6.95
C ILE A 448 1.64 1.20 7.23
N TYR A 449 2.87 1.17 7.76
CA TYR A 449 3.56 2.43 8.02
C TYR A 449 3.86 3.11 6.70
N ASP A 450 4.23 2.37 5.65
CA ASP A 450 4.55 3.03 4.38
C ASP A 450 3.34 3.66 3.72
N LEU A 451 2.19 2.96 3.75
CA LEU A 451 0.99 3.51 3.10
C LEU A 451 0.60 4.84 3.78
N ALA A 452 0.53 4.83 5.09
CA ALA A 452 0.18 6.04 5.81
C ALA A 452 1.17 7.12 5.38
N ILE A 453 2.45 6.77 5.30
CA ILE A 453 3.52 7.76 5.25
C ILE A 453 3.57 8.39 3.86
N LEU A 454 3.42 7.59 2.83
CA LEU A 454 3.38 8.14 1.50
C LEU A 454 2.12 8.96 1.25
N THR A 455 1.03 8.64 1.97
CA THR A 455 -0.20 9.41 1.85
C THR A 455 -0.06 10.83 2.40
N GLU A 456 0.47 10.96 3.62
CA GLU A 456 0.70 12.27 4.22
C GLU A 456 1.64 13.09 3.36
N LEU A 457 2.63 12.43 2.76
CA LEU A 457 3.56 13.10 1.88
C LEU A 457 2.81 13.60 0.67
N ALA A 458 2.01 12.74 0.04
CA ALA A 458 1.26 13.19 -1.14
C ALA A 458 0.32 14.36 -0.78
N SER A 459 -0.14 14.37 0.47
CA SER A 459 -1.05 15.42 0.93
C SER A 459 -0.32 16.75 0.95
N ARG A 460 1.02 16.71 0.83
CA ARG A 460 1.91 17.88 0.83
C ARG A 460 2.43 18.31 -0.54
N VAL A 461 2.06 17.57 -1.57
CA VAL A 461 2.55 17.89 -2.91
C VAL A 461 1.45 18.54 -3.74
N SER A 462 1.80 19.57 -4.51
CA SER A 462 0.91 20.12 -5.53
C SER A 462 1.70 20.49 -6.79
N TYR A 463 1.02 20.70 -7.90
CA TYR A 463 1.69 21.02 -9.16
C TYR A 463 0.85 22.00 -9.99
N LYS A 464 1.46 22.70 -10.93
CA LYS A 464 0.70 23.68 -11.68
C LYS A 464 -0.18 23.05 -12.73
N VAL A 465 -1.49 23.21 -12.57
CA VAL A 465 -2.38 22.90 -13.69
C VAL A 465 -2.48 24.12 -14.63
N ASP A 466 -3.23 25.15 -14.27
CA ASP A 466 -3.34 26.30 -15.16
C ASP A 466 -3.19 27.63 -14.43
N ASP A 467 -2.03 27.86 -13.82
CA ASP A 467 -1.78 29.08 -13.01
C ASP A 467 -2.22 28.98 -11.53
N GLU A 468 -3.03 27.97 -11.21
CA GLU A 468 -3.28 27.60 -9.81
C GLU A 468 -2.65 26.23 -9.56
N TYR A 469 -2.35 25.94 -8.30
CA TYR A 469 -1.71 24.69 -7.95
C TYR A 469 -2.75 23.68 -7.53
N LYS A 470 -2.55 22.45 -7.97
CA LYS A 470 -3.50 21.35 -7.71
C LYS A 470 -2.78 20.15 -7.09
N PRO A 471 -3.49 19.39 -6.23
CA PRO A 471 -2.99 18.07 -5.77
C PRO A 471 -3.08 16.99 -6.84
N PHE A 472 -2.30 15.93 -6.69
CA PHE A 472 -2.48 14.73 -7.52
C PHE A 472 -3.93 14.19 -7.54
N HIS A 473 -4.27 13.34 -8.52
CA HIS A 473 -5.55 12.61 -8.50
C HIS A 473 -5.84 11.95 -7.14
N SER A 474 -7.11 11.91 -6.73
CA SER A 474 -7.53 11.26 -5.46
C SER A 474 -7.10 9.81 -5.32
N VAL A 475 -7.12 9.06 -6.42
CA VAL A 475 -6.81 7.62 -6.37
C VAL A 475 -5.34 7.52 -6.48
N LEU A 476 -4.66 7.41 -5.35
CA LEU A 476 -3.23 7.56 -5.41
C LEU A 476 -2.47 6.29 -5.68
N SER A 477 -2.31 6.05 -6.99
CA SER A 477 -1.70 4.87 -7.53
C SER A 477 -0.21 4.71 -7.22
N ILE A 478 0.49 5.78 -6.88
CA ILE A 478 1.90 5.66 -6.46
C ILE A 478 2.09 4.74 -5.27
N LEU A 479 1.00 4.34 -4.63
CA LEU A 479 1.02 3.40 -3.50
C LEU A 479 1.07 1.93 -3.94
N SER A 480 1.05 1.73 -5.24
CA SER A 480 0.99 0.42 -5.88
C SER A 480 2.02 -0.59 -5.45
N LEU A 481 3.24 -0.14 -5.19
CA LEU A 481 4.32 -1.06 -4.78
C LEU A 481 3.97 -1.77 -3.51
N LEU A 482 3.09 -1.17 -2.73
CA LEU A 482 2.68 -1.75 -1.46
C LEU A 482 1.44 -2.64 -1.61
N LEU A 483 0.85 -2.69 -2.80
CA LEU A 483 -0.49 -3.26 -2.94
C LEU A 483 -0.58 -4.27 -4.07
N LYS A 484 -1.41 -5.29 -3.89
CA LYS A 484 -1.50 -6.44 -4.78
C LYS A 484 -2.34 -6.15 -5.97
N ALA A 485 -3.42 -5.41 -5.71
CA ALA A 485 -4.50 -5.17 -6.66
C ALA A 485 -4.76 -3.68 -6.71
N PRO A 486 -3.82 -2.96 -7.32
CA PRO A 486 -3.86 -1.50 -7.22
C PRO A 486 -5.07 -0.91 -7.97
N VAL A 487 -5.74 0.00 -7.27
CA VAL A 487 -6.79 0.80 -7.77
C VAL A 487 -6.09 2.06 -8.34
N VAL A 488 -6.52 2.49 -9.53
CA VAL A 488 -5.82 3.55 -10.25
C VAL A 488 -6.83 4.53 -10.88
N PRO A 489 -6.41 5.79 -11.07
CA PRO A 489 -7.30 6.77 -11.64
C PRO A 489 -8.02 6.23 -12.87
N PRO A 490 -9.34 6.42 -12.96
CA PRO A 490 -10.12 5.89 -14.11
C PRO A 490 -9.46 6.12 -15.48
N GLY A 491 -9.50 5.09 -16.33
CA GLY A 491 -8.97 5.18 -17.69
C GLY A 491 -7.46 5.07 -17.87
N THR A 492 -6.75 4.68 -16.81
CA THR A 492 -5.30 4.51 -16.89
C THR A 492 -4.91 3.07 -16.53
N PRO A 493 -3.77 2.59 -17.03
CA PRO A 493 -3.36 1.21 -16.87
C PRO A 493 -2.84 0.86 -15.48
N ILE A 494 -3.13 -0.37 -15.05
CA ILE A 494 -2.59 -0.94 -13.83
C ILE A 494 -1.14 -1.33 -14.05
N SER A 495 -0.31 -1.13 -13.04
CA SER A 495 1.10 -1.46 -13.16
C SER A 495 1.49 -2.40 -12.02
N ASN A 496 1.81 -3.65 -12.37
CA ASN A 496 1.99 -4.70 -11.35
C ASN A 496 3.43 -5.08 -10.96
N ALA A 497 4.42 -4.71 -11.77
CA ALA A 497 5.77 -5.20 -11.55
C ALA A 497 6.49 -4.32 -10.53
N PHE A 498 6.79 -4.91 -9.38
CA PHE A 498 7.28 -4.22 -8.20
C PHE A 498 8.43 -3.24 -8.45
N MET A 499 9.52 -3.72 -9.04
CA MET A 499 10.67 -2.83 -9.19
C MET A 499 10.32 -1.62 -10.07
N ARG A 500 9.37 -1.81 -10.98
CA ARG A 500 8.90 -0.72 -11.82
C ARG A 500 8.11 0.31 -10.97
N GLN A 501 7.39 -0.21 -9.97
CA GLN A 501 6.57 0.60 -9.07
C GLN A 501 7.42 1.40 -8.10
N PHE A 502 8.61 0.87 -7.84
CA PHE A 502 9.58 1.47 -6.95
C PHE A 502 10.28 2.63 -7.66
N SER A 503 10.62 2.44 -8.94
CA SER A 503 11.25 3.53 -9.67
C SER A 503 10.32 4.68 -9.92
N THR A 504 9.01 4.42 -10.00
CA THR A 504 8.01 5.50 -10.07
C THR A 504 8.12 6.36 -8.81
N LEU A 505 8.12 5.71 -7.66
CA LEU A 505 8.22 6.36 -6.39
C LEU A 505 9.53 7.12 -6.20
N THR A 506 10.67 6.53 -6.56
CA THR A 506 11.95 7.17 -6.27
C THR A 506 12.26 8.26 -7.27
N LYS A 507 11.80 8.15 -8.51
CA LYS A 507 11.94 9.26 -9.43
C LYS A 507 11.06 10.45 -8.99
N LEU A 508 9.87 10.15 -8.51
CA LEU A 508 8.98 11.19 -8.11
C LEU A 508 9.62 11.98 -6.98
N VAL A 509 10.07 11.34 -5.91
CA VAL A 509 10.63 12.12 -4.79
C VAL A 509 11.90 12.84 -5.15
N THR A 510 12.67 12.33 -6.11
CA THR A 510 13.87 13.07 -6.53
C THR A 510 13.50 14.28 -7.34
N ALA A 511 12.50 14.15 -8.23
CA ALA A 511 11.88 15.28 -8.94
C ALA A 511 11.33 16.38 -8.01
N LEU A 512 10.58 15.97 -6.99
CA LEU A 512 10.16 16.90 -5.92
C LEU A 512 11.34 17.62 -5.28
N ALA A 513 12.38 16.87 -4.90
CA ALA A 513 13.54 17.41 -4.14
C ALA A 513 14.49 18.24 -4.97
N GLY A 514 14.47 18.05 -6.30
CA GLY A 514 15.22 18.87 -7.24
C GLY A 514 16.33 18.15 -8.01
N PHE A 515 16.52 16.86 -7.72
CA PHE A 515 17.65 16.15 -8.34
C PHE A 515 17.32 14.78 -8.96
N PRO A 516 16.47 14.75 -9.99
CA PRO A 516 16.22 13.52 -10.73
C PRO A 516 17.34 13.39 -11.72
N SER A 517 17.53 12.21 -12.31
CA SER A 517 18.63 11.95 -13.27
C SER A 517 18.42 10.77 -14.22
N ASP A 518 19.42 10.53 -15.07
CA ASP A 518 19.46 9.34 -15.91
C ASP A 518 20.45 8.34 -15.38
N THR A 519 20.48 8.18 -14.06
CA THR A 519 21.52 7.36 -13.44
C THR A 519 21.27 5.87 -13.58
N ASP A 520 20.18 5.49 -14.28
CA ASP A 520 19.97 4.07 -14.70
C ASP A 520 20.81 3.75 -15.93
N MET A 521 21.44 4.78 -16.50
CA MET A 521 22.36 4.60 -17.60
C MET A 521 23.52 5.53 -17.41
N GLN A 522 24.51 5.09 -16.64
CA GLN A 522 25.65 5.93 -16.32
C GLN A 522 26.67 5.85 -17.43
N ILE A 523 26.40 6.57 -18.50
CA ILE A 523 27.19 6.52 -19.71
C ILE A 523 28.62 7.15 -19.49
N GLU A 524 28.81 7.86 -18.38
CA GLU A 524 30.12 8.45 -18.05
C GLU A 524 31.19 7.40 -17.99
N PHE A 525 30.79 6.15 -17.75
CA PHE A 525 31.76 5.09 -17.46
C PHE A 525 32.39 4.47 -18.71
N PHE A 526 31.79 4.72 -19.86
CA PHE A 526 32.29 4.14 -21.10
C PHE A 526 32.37 5.20 -22.17
N THR A 527 32.23 6.46 -21.75
CA THR A 527 32.43 7.60 -22.66
C THR A 527 33.21 8.68 -21.98
N GLN A 528 33.66 9.64 -22.77
CA GLN A 528 34.13 10.88 -22.18
C GLN A 528 32.95 11.83 -22.02
N LEU A 529 32.72 12.21 -20.78
CA LEU A 529 31.59 13.06 -20.41
C LEU A 529 31.71 14.49 -20.93
N PRO A 530 30.86 14.84 -21.90
CA PRO A 530 30.70 16.20 -22.39
C PRO A 530 30.66 17.23 -21.28
N ALA A 531 31.20 18.41 -21.54
CA ALA A 531 31.16 19.50 -20.56
C ALA A 531 29.71 19.87 -20.26
N ALA A 532 29.41 20.25 -19.02
CA ALA A 532 28.03 20.56 -18.66
C ALA A 532 27.58 21.75 -19.49
N LYS A 533 26.27 21.81 -19.81
CA LYS A 533 25.75 22.98 -20.52
C LYS A 533 25.45 24.13 -19.54
K K B . -1.09 -11.11 9.48
CL CL C . 17.37 2.94 -6.68
CL CL D . 15.52 0.85 11.05
I IOD E . 32.09 11.10 -12.99
I IOD F . 0.21 -16.67 -26.32
PA NAD G . -6.62 -10.61 11.96
O1A NAD G . -7.75 -11.50 12.13
O2A NAD G . -5.61 -10.94 12.97
O5B NAD G . -7.16 -9.12 12.06
C5B NAD G . -8.51 -8.84 11.81
C4B NAD G . -9.04 -8.03 12.98
O4B NAD G . -10.08 -7.20 12.51
C3B NAD G . -9.63 -8.89 14.05
O3B NAD G . -9.30 -8.21 15.26
C2B NAD G . -11.12 -8.78 13.91
O2B NAD G . -11.60 -8.63 15.25
C1B NAD G . -11.27 -7.44 13.21
N9A NAD G . -12.48 -7.16 12.39
C8A NAD G . -13.21 -7.98 11.58
N7A NAD G . -14.24 -7.27 11.07
C5A NAD G . -14.21 -6.00 11.52
C6A NAD G . -15.04 -4.88 11.35
N6A NAD G . -16.17 -4.90 10.64
N1A NAD G . -14.72 -3.72 12.02
C2A NAD G . -13.63 -3.66 12.84
N3A NAD G . -12.88 -4.77 13.03
C4A NAD G . -13.13 -5.93 12.38
O3 NAD G . -6.01 -10.66 10.47
PN NAD G . -4.67 -9.88 10.12
O1N NAD G . -4.55 -8.77 11.09
O2N NAD G . -3.59 -10.88 10.04
O5D NAD G . -4.93 -9.14 8.70
C5D NAD G . -6.13 -8.40 8.48
C4D NAD G . -6.49 -8.21 6.99
O4D NAD G . -5.36 -7.80 6.26
C3D NAD G . -7.01 -9.47 6.31
O3D NAD G . -8.07 -9.12 5.47
C2D NAD G . -5.89 -9.87 5.38
O2D NAD G . -6.28 -10.52 4.18
C1D NAD G . -5.32 -8.52 5.05
N1N NAD G . -3.99 -8.78 4.51
C2N NAD G . -3.04 -9.37 5.28
C3N NAD G . -1.80 -9.64 4.74
C7N NAD G . -0.71 -9.91 5.71
O7N NAD G . -1.11 -9.98 7.06
N7N NAD G . 0.54 -10.07 5.27
C4N NAD G . -1.51 -9.30 3.40
C5N NAD G . -2.49 -8.73 2.63
C6N NAD G . -3.75 -8.47 3.19
P1 POP H . 1.26 -12.26 -0.22
O1 POP H . 2.19 -11.12 -0.64
O2 POP H . 2.00 -13.23 0.65
O3 POP H . 0.77 -12.98 -1.47
O POP H . 0.02 -11.63 0.64
P2 POP H . -1.21 -12.47 1.31
O4 POP H . -0.90 -12.65 2.80
O5 POP H . -2.50 -11.68 1.10
O6 POP H . -1.45 -13.88 0.76
#